data_7TI0
#
_entry.id   7TI0
#
_cell.length_a   45.880
_cell.length_b   44.780
_cell.length_c   117.190
_cell.angle_alpha   90.000
_cell.angle_beta   90.000
_cell.angle_gamma   90.000
#
_symmetry.space_group_name_H-M   'P 21 21 21'
#
loop_
_entity.id
_entity.type
_entity.pdbx_description
1 polymer Beta-lactamase
2 non-polymer '{(3R,7S)-2-hydroxy-3-[2-(thiophen-2-yl)acetamido]-2,3,4,7-tetrahydro-1,2-oxaborepin-7-yl}acetic acid'
3 non-polymer 'SULFATE ION'
4 non-polymer 1,2-ETHANEDIOL
5 non-polymer 'CHLORIDE ION'
6 water water
#
_entity_poly.entity_id   1
_entity_poly.type   'polypeptide(L)'
_entity_poly.pdbx_seq_one_letter_code
;QTADVQQKLAELERQSGGRLGVALINTADNSQILYRADERFAMCSTSKVMAAAAVLKKSESEPNLLNQRVEIKKSDLVNY
NPIAEKHVNGTMSLAELSAAALQYSDNVAMNKLIAHVGGPASVTAFARQLGDETFRLDRTEPTLNTAIPGDPRDTTSPRA
MAQTLRNLTLGKALGDSQRAQLVTWMKGNTTGAASIQAGLPASWVVGDKTGSGGYGTTNDIAVIWPKDRAPLILVTYFTQ
PQPKAESRRDVLASAAKIVTDGL
;
_entity_poly.pdbx_strand_id   A
#
loop_
_chem_comp.id
_chem_comp.type
_chem_comp.name
_chem_comp.formula
CL non-polymer 'CHLORIDE ION' 'Cl -1'
EDO non-polymer 1,2-ETHANEDIOL 'C2 H6 O2'
SO4 non-polymer 'SULFATE ION' 'O4 S -2'
ZXQ non-polymer '{(3R,7S)-2-hydroxy-3-[2-(thiophen-2-yl)acetamido]-2,3,4,7-tetrahydro-1,2-oxaborepin-7-yl}acetic acid' 'C13 H16 B N O5 S'
#
# COMPACT_ATOMS: atom_id res chain seq x y z
N THR A 2 4.03 22.30 10.78
CA THR A 2 5.27 23.05 11.12
C THR A 2 6.17 23.26 9.88
N ALA A 3 6.72 24.46 9.78
CA ALA A 3 7.88 24.68 8.92
C ALA A 3 9.02 23.83 9.47
N ASP A 4 9.03 23.63 10.79
CA ASP A 4 10.00 22.74 11.45
C ASP A 4 9.89 21.33 10.88
N VAL A 5 8.67 20.85 10.70
CA VAL A 5 8.47 19.49 10.17
C VAL A 5 9.03 19.41 8.73
N GLN A 6 8.79 20.45 7.95
CA GLN A 6 9.31 20.54 6.61
C GLN A 6 10.82 20.51 6.57
N GLN A 7 11.46 21.29 7.42
CA GLN A 7 12.90 21.31 7.53
C GLN A 7 13.44 19.92 7.91
N LYS A 8 12.78 19.25 8.86
CA LYS A 8 13.22 17.92 9.30
C LYS A 8 13.04 16.89 8.19
N LEU A 9 11.97 16.97 7.41
CA LEU A 9 11.80 16.02 6.30
C LEU A 9 12.86 16.26 5.22
N ALA A 10 13.11 17.52 4.89
CA ALA A 10 14.15 17.87 3.92
C ALA A 10 15.52 17.35 4.37
N GLU A 11 15.82 17.54 5.65
CA GLU A 11 17.07 17.02 6.25
C GLU A 11 17.17 15.48 6.11
N LEU A 12 16.07 14.78 6.41
CA LEU A 12 16.02 13.33 6.28
C LEU A 12 16.27 12.90 4.84
N GLU A 13 15.58 13.54 3.92
CA GLU A 13 15.78 13.24 2.50
C GLU A 13 17.22 13.43 2.09
N ARG A 14 17.78 14.57 2.44
CA ARG A 14 19.18 14.87 2.10
C ARG A 14 20.11 13.76 2.58
N GLN A 15 19.98 13.41 3.85
CA GLN A 15 20.81 12.39 4.43
C GLN A 15 20.63 11.04 3.74
N SER A 16 19.41 10.72 3.35
CA SER A 16 19.09 9.44 2.73
C SER A 16 19.70 9.25 1.32
N GLY A 17 19.94 10.34 0.61
CA GLY A 17 20.44 10.27 -0.76
C GLY A 17 19.38 10.06 -1.82
N GLY A 18 18.12 9.82 -1.41
CA GLY A 18 17.05 9.54 -2.37
C GLY A 18 15.97 10.60 -2.45
N ARG A 19 14.78 10.16 -2.82
CA ARG A 19 13.63 11.04 -3.03
C ARG A 19 12.51 10.49 -2.16
N LEU A 20 12.03 11.35 -1.27
CA LEU A 20 11.03 11.01 -0.24
C LEU A 20 9.72 11.72 -0.52
N GLY A 21 8.63 10.97 -0.41
CA GLY A 21 7.29 11.52 -0.54
C GLY A 21 6.45 11.18 0.68
N VAL A 22 5.86 12.19 1.28
CA VAL A 22 5.05 12.01 2.49
C VAL A 22 3.72 12.72 2.38
N ALA A 23 2.65 12.03 2.83
CA ALA A 23 1.38 12.70 3.01
C ALA A 23 0.76 12.14 4.28
N LEU A 24 0.55 12.99 5.26
CA LEU A 24 -0.19 12.68 6.48
C LEU A 24 -1.52 13.42 6.46
N ILE A 25 -2.61 12.68 6.73
CA ILE A 25 -3.92 13.31 6.99
C ILE A 25 -4.24 13.05 8.44
N ASN A 26 -4.50 14.13 9.18
CA ASN A 26 -4.88 14.04 10.59
C ASN A 26 -6.38 14.30 10.70
N THR A 27 -7.16 13.24 10.98
CA THR A 27 -8.60 13.41 11.02
C THR A 27 -9.09 14.16 12.26
N ALA A 28 -8.21 14.43 13.22
CA ALA A 28 -8.61 15.25 14.36
C ALA A 28 -9.04 16.65 13.91
N ASP A 29 -8.26 17.26 13.03
CA ASP A 29 -8.49 18.65 12.66
C ASP A 29 -8.49 18.87 11.15
N ASN A 30 -8.49 17.76 10.39
CA ASN A 30 -8.58 17.79 8.95
C ASN A 30 -7.37 18.50 8.34
N SER A 31 -6.24 18.40 9.01
CA SER A 31 -4.99 18.97 8.53
C SER A 31 -4.19 17.94 7.77
N GLN A 32 -3.19 18.42 7.05
CA GLN A 32 -2.26 17.58 6.31
C GLN A 32 -0.83 18.06 6.49
N ILE A 33 0.08 17.12 6.41
CA ILE A 33 1.54 17.39 6.24
C ILE A 33 1.95 16.73 4.96
N LEU A 34 2.53 17.52 4.06
CA LEU A 34 2.83 17.11 2.70
C LEU A 34 4.28 17.40 2.34
N TYR A 35 4.95 16.42 1.72
CA TYR A 35 6.33 16.61 1.23
C TYR A 35 6.43 15.87 -0.09
N ARG A 36 6.67 16.58 -1.20
CA ARG A 36 6.62 16.00 -2.54
C ARG A 36 5.35 15.23 -2.77
N ALA A 37 4.25 15.71 -2.20
CA ALA A 37 3.03 14.91 -2.14
C ALA A 37 2.31 14.89 -3.47
N ASP A 38 2.73 15.72 -4.43
CA ASP A 38 2.14 15.64 -5.77
C ASP A 38 3.07 15.02 -6.80
N GLU A 39 4.23 14.53 -6.36
CA GLU A 39 5.14 13.85 -7.30
C GLU A 39 4.71 12.40 -7.43
N ARG A 40 5.06 11.76 -8.55
CA ARG A 40 4.78 10.37 -8.72
C ARG A 40 5.88 9.49 -8.17
N PHE A 41 5.46 8.38 -7.58
CA PHE A 41 6.35 7.34 -7.10
C PHE A 41 5.82 5.98 -7.51
N ALA A 42 6.71 5.04 -7.79
CA ALA A 42 6.32 3.65 -8.01
C ALA A 42 5.68 3.09 -6.75
N MET A 43 4.44 2.59 -6.84
CA MET A 43 3.72 2.07 -5.67
C MET A 43 4.28 0.76 -5.14
N CYS A 44 4.76 -0.05 -6.06
CA CYS A 44 5.16 -1.43 -5.78
C CYS A 44 3.98 -2.10 -5.06
N SER A 45 4.23 -2.92 -4.03
CA SER A 45 3.11 -3.68 -3.47
C SER A 45 2.11 -2.85 -2.68
N THR A 46 2.33 -1.55 -2.47
CA THR A 46 1.27 -0.77 -1.88
C THR A 46 0.02 -0.73 -2.76
N SER A 47 0.18 -1.00 -4.06
CA SER A 47 -0.93 -1.13 -4.97
C SER A 47 -1.90 -2.27 -4.64
N LYS A 48 -1.46 -3.22 -3.81
CA LYS A 48 -2.30 -4.40 -3.51
C LYS A 48 -3.53 -3.97 -2.71
N VAL A 49 -3.45 -2.84 -1.97
CA VAL A 49 -4.63 -2.35 -1.28
C VAL A 49 -5.75 -2.04 -2.27
N MET A 50 -5.44 -1.35 -3.37
CA MET A 50 -6.45 -1.01 -4.37
C MET A 50 -7.00 -2.30 -5.01
N ALA A 51 -6.16 -3.28 -5.31
CA ALA A 51 -6.67 -4.50 -5.90
C ALA A 51 -7.60 -5.27 -4.96
N ALA A 52 -7.21 -5.38 -3.68
CA ALA A 52 -8.08 -6.05 -2.71
C ALA A 52 -9.38 -5.27 -2.54
N ALA A 53 -9.31 -3.94 -2.51
CA ALA A 53 -10.49 -3.10 -2.39
C ALA A 53 -11.44 -3.30 -3.58
N ALA A 54 -10.87 -3.49 -4.77
CA ALA A 54 -11.70 -3.71 -5.97
C ALA A 54 -12.48 -5.02 -5.84
N VAL A 55 -11.84 -6.07 -5.34
CA VAL A 55 -12.53 -7.34 -5.10
C VAL A 55 -13.59 -7.20 -4.01
N LEU A 56 -13.27 -6.50 -2.94
CA LEU A 56 -14.25 -6.23 -1.88
C LEU A 56 -15.46 -5.47 -2.45
N LYS A 57 -15.21 -4.46 -3.28
CA LYS A 57 -16.30 -3.71 -3.92
C LYS A 57 -17.19 -4.67 -4.77
N LYS A 58 -16.55 -5.47 -5.60
CA LYS A 58 -17.26 -6.46 -6.43
C LYS A 58 -18.13 -7.38 -5.56
N SER A 59 -17.64 -7.69 -4.35
CA SER A 59 -18.39 -8.61 -3.48
C SER A 59 -19.66 -8.06 -2.88
N GLU A 60 -19.84 -6.74 -2.97
CA GLU A 60 -21.06 -6.12 -2.49
C GLU A 60 -22.25 -6.44 -3.37
N SER A 61 -22.01 -6.82 -4.63
CA SER A 61 -23.10 -7.23 -5.52
C SER A 61 -23.05 -8.72 -5.86
N GLU A 62 -22.08 -9.43 -5.32
CA GLU A 62 -21.91 -10.88 -5.49
C GLU A 62 -21.55 -11.43 -4.11
N PRO A 63 -22.56 -11.63 -3.28
CA PRO A 63 -22.24 -11.95 -1.88
C PRO A 63 -21.37 -13.20 -1.64
N ASN A 64 -21.36 -14.23 -2.52
CA ASN A 64 -20.45 -15.37 -2.25
C ASN A 64 -19.10 -15.28 -2.96
N LEU A 65 -18.72 -14.08 -3.38
CA LEU A 65 -17.50 -13.91 -4.14
C LEU A 65 -16.23 -14.28 -3.35
N LEU A 66 -16.12 -13.84 -2.10
CA LEU A 66 -14.90 -14.09 -1.34
C LEU A 66 -14.61 -15.59 -1.12
N ASN A 67 -15.66 -16.42 -1.17
CA ASN A 67 -15.52 -17.86 -1.02
C ASN A 67 -15.15 -18.55 -2.35
N GLN A 68 -15.21 -17.82 -3.47
CA GLN A 68 -14.93 -18.41 -4.79
C GLN A 68 -13.50 -18.94 -4.78
N ARG A 69 -13.32 -20.14 -5.36
CA ARG A 69 -12.04 -20.87 -5.37
C ARG A 69 -11.28 -20.54 -6.65
N VAL A 70 -9.98 -20.38 -6.52
CA VAL A 70 -9.06 -20.04 -7.59
C VAL A 70 -7.94 -21.10 -7.61
N GLU A 71 -7.73 -21.74 -8.76
CA GLU A 71 -6.63 -22.71 -8.86
C GLU A 71 -5.26 -22.06 -8.83
N ILE A 72 -4.36 -22.68 -8.08
CA ILE A 72 -2.95 -22.29 -8.04
C ILE A 72 -2.15 -23.39 -8.71
N LYS A 73 -1.41 -23.00 -9.75
CA LYS A 73 -0.56 -23.92 -10.50
C LYS A 73 0.89 -23.46 -10.47
N LYS A 74 1.78 -24.36 -10.87
CA LYS A 74 3.17 -23.96 -10.99
C LYS A 74 3.36 -22.81 -11.94
N SER A 75 2.58 -22.79 -12.99
CA SER A 75 2.65 -21.71 -13.97
C SER A 75 2.23 -20.36 -13.41
N ASP A 76 1.59 -20.30 -12.25
CA ASP A 76 1.26 -19.03 -11.61
C ASP A 76 2.39 -18.46 -10.78
N LEU A 77 3.38 -19.28 -10.41
CA LEU A 77 4.40 -18.78 -9.51
C LEU A 77 5.20 -17.66 -10.17
N VAL A 78 5.54 -16.67 -9.38
CA VAL A 78 6.38 -15.55 -9.86
C VAL A 78 7.59 -15.44 -8.92
N ASN A 79 8.05 -14.22 -8.58
CA ASN A 79 9.28 -14.04 -7.82
C ASN A 79 9.16 -14.21 -6.32
N TYR A 80 7.98 -14.01 -5.77
CA TYR A 80 7.79 -13.99 -4.31
C TYR A 80 6.39 -14.53 -3.98
N ASN A 81 6.38 -15.77 -3.52
CA ASN A 81 5.18 -16.59 -3.42
C ASN A 81 5.07 -17.26 -2.06
N PRO A 82 5.25 -16.52 -0.96
CA PRO A 82 5.37 -17.14 0.35
C PRO A 82 4.15 -17.99 0.75
N ILE A 83 2.96 -17.56 0.34
CA ILE A 83 1.72 -18.28 0.65
C ILE A 83 1.30 -19.18 -0.51
N ALA A 84 1.30 -18.64 -1.71
CA ALA A 84 0.84 -19.42 -2.85
C ALA A 84 1.67 -20.68 -3.08
N GLU A 85 2.97 -20.69 -2.76
CA GLU A 85 3.79 -21.88 -2.98
C GLU A 85 3.28 -23.06 -2.14
N LYS A 86 2.59 -22.79 -1.03
CA LYS A 86 2.02 -23.85 -0.18
C LYS A 86 0.76 -24.47 -0.75
N HIS A 87 0.15 -23.81 -1.74
CA HIS A 87 -1.16 -24.22 -2.30
C HIS A 87 -1.12 -24.67 -3.73
N VAL A 88 0.07 -24.82 -4.29
CA VAL A 88 0.19 -25.29 -5.67
C VAL A 88 -0.52 -26.62 -5.83
N ASN A 89 -1.29 -26.72 -6.91
CA ASN A 89 -2.10 -27.87 -7.27
C ASN A 89 -3.38 -27.99 -6.49
N GLY A 90 -3.68 -27.01 -5.65
CA GLY A 90 -4.98 -26.89 -4.99
C GLY A 90 -5.60 -25.55 -5.34
N THR A 91 -6.63 -25.15 -4.61
CA THR A 91 -7.25 -23.84 -4.79
C THR A 91 -7.12 -23.01 -3.51
N MET A 92 -7.21 -21.68 -3.67
CA MET A 92 -7.34 -20.73 -2.55
C MET A 92 -8.60 -19.93 -2.83
N SER A 93 -9.29 -19.50 -1.77
CA SER A 93 -10.44 -18.60 -1.97
C SER A 93 -9.94 -17.20 -2.25
N LEU A 94 -10.83 -16.38 -2.79
CA LEU A 94 -10.50 -14.96 -3.00
C LEU A 94 -10.22 -14.26 -1.66
N ALA A 95 -10.88 -14.67 -0.59
CA ALA A 95 -10.53 -14.12 0.75
C ALA A 95 -9.11 -14.47 1.15
N GLU A 96 -8.73 -15.75 0.96
CA GLU A 96 -7.35 -16.19 1.27
C GLU A 96 -6.31 -15.47 0.39
N LEU A 97 -6.64 -15.24 -0.86
CA LEU A 97 -5.73 -14.53 -1.75
C LEU A 97 -5.59 -13.06 -1.29
N SER A 98 -6.70 -12.46 -0.91
CA SER A 98 -6.63 -11.09 -0.44
C SER A 98 -5.77 -10.98 0.81
N ALA A 99 -5.97 -11.91 1.74
CA ALA A 99 -5.21 -11.93 2.97
C ALA A 99 -3.74 -12.15 2.68
N ALA A 100 -3.42 -13.06 1.76
CA ALA A 100 -2.02 -13.35 1.42
C ALA A 100 -1.36 -12.16 0.77
N ALA A 101 -2.10 -11.49 -0.12
CA ALA A 101 -1.55 -10.29 -0.79
C ALA A 101 -1.25 -9.20 0.21
N LEU A 102 -2.21 -8.96 1.10
CA LEU A 102 -2.11 -7.81 2.05
C LEU A 102 -1.20 -8.06 3.23
N GLN A 103 -1.18 -9.28 3.75
CA GLN A 103 -0.47 -9.59 5.00
C GLN A 103 0.92 -10.20 4.81
N TYR A 104 1.17 -10.82 3.65
CA TYR A 104 2.47 -11.39 3.35
C TYR A 104 3.09 -10.78 2.10
N SER A 105 2.36 -9.91 1.44
CA SER A 105 2.78 -9.37 0.16
C SER A 105 3.04 -10.47 -0.88
N ASP A 106 2.21 -11.50 -0.87
CA ASP A 106 2.34 -12.55 -1.88
C ASP A 106 2.05 -11.97 -3.27
N ASN A 107 2.92 -12.24 -4.25
CA ASN A 107 2.71 -11.72 -5.61
C ASN A 107 1.81 -12.56 -6.48
N VAL A 108 1.74 -13.85 -6.26
CA VAL A 108 0.74 -14.64 -6.98
C VAL A 108 -0.63 -14.17 -6.58
N ALA A 109 -0.82 -13.95 -5.28
CA ALA A 109 -2.11 -13.53 -4.79
C ALA A 109 -2.54 -12.23 -5.46
N MET A 110 -1.63 -11.29 -5.57
CA MET A 110 -1.97 -10.06 -6.25
C MET A 110 -2.36 -10.32 -7.69
N ASN A 111 -1.62 -11.17 -8.41
CA ASN A 111 -2.00 -11.45 -9.79
C ASN A 111 -3.38 -12.09 -9.90
N LYS A 112 -3.77 -12.90 -8.92
CA LYS A 112 -5.13 -13.45 -8.97
C LYS A 112 -6.17 -12.37 -8.69
N LEU A 113 -5.90 -11.43 -7.79
CA LEU A 113 -6.84 -10.34 -7.58
C LEU A 113 -6.99 -9.50 -8.87
N ILE A 114 -5.88 -9.13 -9.46
CA ILE A 114 -5.84 -8.35 -10.73
C ILE A 114 -6.68 -9.08 -11.80
N ALA A 115 -6.38 -10.35 -12.02
CA ALA A 115 -7.05 -11.12 -13.07
C ALA A 115 -8.53 -11.16 -12.81
N HIS A 116 -8.92 -11.40 -11.58
CA HIS A 116 -10.31 -11.56 -11.27
C HIS A 116 -11.11 -10.35 -11.73
N VAL A 117 -10.60 -9.17 -11.44
CA VAL A 117 -11.37 -7.93 -11.68
C VAL A 117 -11.21 -7.39 -13.07
N GLY A 118 -10.35 -8.01 -13.86
CA GLY A 118 -10.23 -7.74 -15.27
C GLY A 118 -8.93 -7.18 -15.73
N GLY A 119 -7.95 -7.09 -14.86
CA GLY A 119 -6.61 -6.67 -15.23
C GLY A 119 -6.27 -5.32 -14.67
N PRO A 120 -5.05 -4.88 -14.92
CA PRO A 120 -4.60 -3.59 -14.39
C PRO A 120 -5.49 -2.42 -14.77
N ALA A 121 -6.01 -2.43 -15.98
CA ALA A 121 -6.87 -1.31 -16.41
C ALA A 121 -8.17 -1.29 -15.65
N SER A 122 -8.64 -2.45 -15.23
CA SER A 122 -9.86 -2.52 -14.41
C SER A 122 -9.61 -2.05 -12.99
N VAL A 123 -8.48 -2.40 -12.42
CA VAL A 123 -8.11 -1.85 -11.08
C VAL A 123 -8.02 -0.32 -11.17
N THR A 124 -7.41 0.19 -12.27
CA THR A 124 -7.31 1.64 -12.48
C THR A 124 -8.68 2.29 -12.65
N ALA A 125 -9.59 1.65 -13.37
CA ALA A 125 -10.95 2.19 -13.53
C ALA A 125 -11.72 2.23 -12.19
N PHE A 126 -11.48 1.27 -11.33
CA PHE A 126 -12.03 1.26 -9.98
C PHE A 126 -11.52 2.47 -9.20
N ALA A 127 -10.22 2.73 -9.26
CA ALA A 127 -9.65 3.92 -8.64
C ALA A 127 -10.37 5.18 -9.14
N ARG A 128 -10.53 5.29 -10.45
CA ARG A 128 -11.23 6.44 -11.02
C ARG A 128 -12.66 6.56 -10.46
N GLN A 129 -13.37 5.42 -10.37
CA GLN A 129 -14.74 5.43 -9.86
C GLN A 129 -14.79 6.00 -8.43
N LEU A 130 -13.76 5.76 -7.64
CA LEU A 130 -13.65 6.31 -6.29
C LEU A 130 -13.34 7.78 -6.24
N GLY A 131 -12.90 8.35 -7.36
CA GLY A 131 -12.45 9.75 -7.37
C GLY A 131 -10.95 9.94 -7.34
N ASP A 132 -10.17 8.85 -7.44
CA ASP A 132 -8.73 8.94 -7.50
C ASP A 132 -8.36 8.98 -8.97
N GLU A 133 -7.90 10.15 -9.44
CA GLU A 133 -7.56 10.36 -10.86
C GLU A 133 -6.06 10.32 -11.07
N THR A 134 -5.31 9.88 -10.06
CA THR A 134 -3.84 9.86 -10.09
C THR A 134 -3.28 8.46 -10.19
N PHE A 135 -3.84 7.55 -9.40
CA PHE A 135 -3.42 6.15 -9.37
C PHE A 135 -3.40 5.54 -10.78
N ARG A 136 -2.34 4.84 -11.11
CA ARG A 136 -2.37 3.99 -12.34
C ARG A 136 -1.65 2.70 -12.07
N LEU A 137 -2.34 1.59 -12.32
CA LEU A 137 -1.78 0.25 -12.34
C LEU A 137 -1.73 -0.19 -13.79
N ASP A 138 -0.49 -0.40 -14.24
CA ASP A 138 -0.22 -0.65 -15.66
C ASP A 138 0.12 -2.10 -15.93
N ARG A 139 0.79 -2.76 -14.99
CA ARG A 139 1.39 -4.08 -15.18
C ARG A 139 0.95 -5.05 -14.07
N THR A 140 1.21 -6.33 -14.29
CA THR A 140 1.06 -7.39 -13.30
C THR A 140 2.37 -7.63 -12.54
N GLU A 141 2.31 -8.55 -11.58
CA GLU A 141 3.51 -9.02 -10.88
C GLU A 141 4.29 -9.97 -11.76
N PRO A 142 5.63 -9.87 -11.74
CA PRO A 142 6.47 -9.04 -10.89
C PRO A 142 6.90 -7.72 -11.51
N THR A 143 6.53 -7.45 -12.76
CA THR A 143 7.13 -6.34 -13.47
C THR A 143 6.66 -4.97 -12.98
N LEU A 144 5.53 -4.91 -12.29
CA LEU A 144 5.03 -3.61 -11.81
C LEU A 144 5.98 -2.93 -10.80
N ASN A 145 6.98 -3.66 -10.30
CA ASN A 145 7.92 -3.12 -9.27
C ASN A 145 9.27 -2.60 -9.83
N THR A 146 9.42 -2.47 -11.14
CA THR A 146 10.69 -2.04 -11.69
C THR A 146 11.12 -0.66 -11.13
N ALA A 147 10.19 0.28 -10.97
CA ALA A 147 10.43 1.57 -10.31
C ALA A 147 11.56 2.38 -10.99
N ILE A 148 11.57 2.39 -12.31
CA ILE A 148 12.59 3.14 -13.07
C ILE A 148 12.34 4.63 -12.95
N PRO A 149 13.37 5.39 -12.58
CA PRO A 149 13.10 6.84 -12.45
C PRO A 149 12.62 7.44 -13.77
N GLY A 150 11.59 8.28 -13.67
CA GLY A 150 11.00 8.91 -14.83
C GLY A 150 9.86 8.13 -15.46
N ASP A 151 9.65 6.89 -15.04
CA ASP A 151 8.65 6.00 -15.66
C ASP A 151 7.34 6.14 -14.90
N PRO A 152 6.27 6.61 -15.56
CA PRO A 152 5.01 6.80 -14.83
C PRO A 152 4.20 5.52 -14.62
N ARG A 153 4.62 4.39 -15.17
CA ARG A 153 3.88 3.17 -15.00
C ARG A 153 3.78 2.76 -13.53
N ASP A 154 2.59 2.34 -13.09
CA ASP A 154 2.44 1.77 -11.76
C ASP A 154 2.81 2.75 -10.66
N THR A 155 2.43 4.00 -10.87
CA THR A 155 2.71 5.09 -9.93
C THR A 155 1.45 5.76 -9.39
N THR A 156 1.63 6.45 -8.28
CA THR A 156 0.67 7.39 -7.79
C THR A 156 1.42 8.48 -7.01
N SER A 157 0.69 9.44 -6.46
CA SER A 157 1.28 10.47 -5.58
C SER A 157 0.99 10.18 -4.14
N PRO A 158 1.82 10.67 -3.21
CA PRO A 158 1.47 10.47 -1.81
C PRO A 158 0.13 11.10 -1.43
N ARG A 159 -0.18 12.26 -1.98
CA ARG A 159 -1.46 12.92 -1.65
C ARG A 159 -2.65 12.04 -2.08
N ALA A 160 -2.63 11.56 -3.30
CA ALA A 160 -3.67 10.77 -3.78
C ALA A 160 -3.84 9.48 -3.02
N MET A 161 -2.73 8.81 -2.74
CA MET A 161 -2.83 7.55 -2.04
C MET A 161 -3.30 7.73 -0.61
N ALA A 162 -2.91 8.82 0.05
CA ALA A 162 -3.42 9.08 1.39
C ALA A 162 -4.91 9.35 1.36
N GLN A 163 -5.37 10.15 0.39
CA GLN A 163 -6.80 10.46 0.32
C GLN A 163 -7.58 9.19 0.00
N THR A 164 -7.06 8.38 -0.90
CA THR A 164 -7.74 7.10 -1.21
C THR A 164 -7.74 6.12 -0.05
N LEU A 165 -6.61 5.96 0.65
CA LEU A 165 -6.59 5.04 1.79
C LEU A 165 -7.54 5.53 2.85
N ARG A 166 -7.63 6.84 3.07
CA ARG A 166 -8.60 7.36 4.02
C ARG A 166 -10.02 6.95 3.64
N ASN A 167 -10.36 7.13 2.36
CA ASN A 167 -11.70 6.77 1.88
C ASN A 167 -11.98 5.27 2.11
N LEU A 168 -11.00 4.43 1.82
CA LEU A 168 -11.19 3.00 1.89
C LEU A 168 -11.33 2.48 3.32
N THR A 169 -10.52 3.02 4.23
CA THR A 169 -10.41 2.49 5.60
C THR A 169 -11.27 3.23 6.61
N LEU A 170 -11.50 4.53 6.39
CA LEU A 170 -12.24 5.36 7.35
C LEU A 170 -13.49 5.98 6.78
N GLY A 171 -13.53 6.12 5.46
CA GLY A 171 -14.69 6.64 4.76
C GLY A 171 -15.60 5.53 4.27
N LYS A 172 -16.35 5.85 3.22
CA LYS A 172 -17.52 5.11 2.78
C LYS A 172 -17.39 4.49 1.39
N ALA A 173 -16.17 4.35 0.92
CA ALA A 173 -15.92 3.72 -0.40
C ALA A 173 -16.50 2.31 -0.41
N LEU A 174 -16.33 1.58 0.68
CA LEU A 174 -16.79 0.20 0.84
C LEU A 174 -17.90 0.10 1.87
N GLY A 175 -18.74 -0.89 1.67
CA GLY A 175 -19.80 -1.19 2.62
C GLY A 175 -19.20 -1.53 3.99
N ASP A 176 -19.97 -1.43 5.07
CA ASP A 176 -19.39 -1.60 6.42
C ASP A 176 -18.68 -2.98 6.56
N SER A 177 -19.30 -4.05 6.04
CA SER A 177 -18.63 -5.36 6.17
C SER A 177 -17.28 -5.39 5.47
N GLN A 178 -17.26 -4.83 4.28
CA GLN A 178 -16.09 -4.85 3.44
C GLN A 178 -15.00 -3.95 3.99
N ARG A 179 -15.39 -2.75 4.45
CA ARG A 179 -14.45 -1.86 5.10
C ARG A 179 -13.81 -2.49 6.32
N ALA A 180 -14.61 -3.13 7.15
CA ALA A 180 -14.09 -3.77 8.33
C ALA A 180 -13.12 -4.89 7.94
N GLN A 181 -13.46 -5.63 6.90
CA GLN A 181 -12.56 -6.72 6.44
C GLN A 181 -11.22 -6.16 5.94
N LEU A 182 -11.26 -5.10 5.16
CA LEU A 182 -10.00 -4.44 4.72
C LEU A 182 -9.17 -4.00 5.93
N VAL A 183 -9.79 -3.33 6.88
CA VAL A 183 -9.08 -2.87 8.06
C VAL A 183 -8.48 -4.05 8.86
N THR A 184 -9.27 -5.12 9.05
CA THR A 184 -8.78 -6.28 9.76
C THR A 184 -7.57 -6.88 9.04
N TRP A 185 -7.66 -7.01 7.71
CA TRP A 185 -6.53 -7.55 6.96
C TRP A 185 -5.28 -6.68 7.14
N MET A 186 -5.42 -5.38 7.03
CA MET A 186 -4.27 -4.46 7.15
C MET A 186 -3.66 -4.45 8.56
N LYS A 187 -4.52 -4.58 9.56
CA LYS A 187 -4.05 -4.65 10.98
C LYS A 187 -3.25 -5.93 11.21
N GLY A 188 -3.52 -6.99 10.44
CA GLY A 188 -2.81 -8.24 10.57
C GLY A 188 -1.62 -8.37 9.65
N ASN A 189 -1.20 -7.28 9.03
CA ASN A 189 -0.02 -7.31 8.18
C ASN A 189 1.20 -7.82 8.93
N THR A 190 2.03 -8.63 8.29
CA THR A 190 3.26 -9.12 8.90
C THR A 190 4.51 -8.44 8.43
N THR A 191 4.45 -7.56 7.42
CA THR A 191 5.62 -7.02 6.74
C THR A 191 6.02 -5.60 7.12
N GLY A 192 5.29 -4.97 8.03
CA GLY A 192 5.50 -3.53 8.25
C GLY A 192 6.13 -3.08 9.56
N ALA A 193 6.65 -4.00 10.38
CA ALA A 193 7.11 -3.62 11.70
C ALA A 193 8.35 -2.73 11.69
N ALA A 194 9.14 -2.77 10.63
CA ALA A 194 10.36 -1.94 10.52
C ALA A 194 10.09 -0.64 9.78
N SER A 195 8.86 -0.40 9.34
CA SER A 195 8.56 0.77 8.48
C SER A 195 7.80 1.83 9.32
N ILE A 196 6.63 2.29 8.87
CA ILE A 196 5.92 3.32 9.65
C ILE A 196 5.79 2.98 11.15
N GLN A 197 5.45 1.73 11.43
CA GLN A 197 5.26 1.25 12.81
CA GLN A 197 5.26 1.26 12.81
C GLN A 197 6.49 1.54 13.68
N ALA A 198 7.66 1.42 13.06
CA ALA A 198 8.91 1.60 13.80
C ALA A 198 9.16 3.03 14.24
N GLY A 199 8.42 3.98 13.67
CA GLY A 199 8.54 5.41 14.03
C GLY A 199 7.43 5.92 14.92
N LEU A 200 6.54 5.03 15.37
CA LEU A 200 5.39 5.39 16.23
C LEU A 200 5.50 4.74 17.60
N PRO A 201 4.87 5.30 18.62
CA PRO A 201 4.87 4.62 19.91
C PRO A 201 4.29 3.21 19.84
N ALA A 202 4.82 2.32 20.66
CA ALA A 202 4.41 0.92 20.68
C ALA A 202 2.92 0.74 20.94
N SER A 203 2.31 1.64 21.67
CA SER A 203 0.89 1.52 22.01
C SER A 203 -0.05 1.83 20.87
N TRP A 204 0.41 2.47 19.81
CA TRP A 204 -0.51 2.87 18.73
C TRP A 204 -0.86 1.68 17.89
N VAL A 205 -2.07 1.67 17.31
CA VAL A 205 -2.55 0.56 16.49
C VAL A 205 -2.43 0.94 15.04
N VAL A 206 -1.87 0.04 14.23
CA VAL A 206 -1.55 0.33 12.85
C VAL A 206 -2.06 -0.76 11.93
N GLY A 207 -2.69 -0.34 10.83
CA GLY A 207 -2.92 -1.25 9.71
C GLY A 207 -2.12 -0.67 8.57
N ASP A 208 -1.26 -1.46 7.94
CA ASP A 208 -0.40 -0.90 6.87
C ASP A 208 -0.18 -1.90 5.80
N LYS A 209 0.32 -1.38 4.67
CA LYS A 209 0.79 -2.22 3.56
C LYS A 209 2.12 -1.65 3.06
N THR A 210 3.16 -2.48 3.06
CA THR A 210 4.47 -2.05 2.57
C THR A 210 4.63 -2.33 1.07
N GLY A 211 5.68 -1.74 0.51
CA GLY A 211 6.07 -2.05 -0.86
C GLY A 211 7.56 -1.93 -1.00
N SER A 212 8.14 -2.68 -1.93
CA SER A 212 9.56 -2.54 -2.29
C SER A 212 9.76 -2.91 -3.74
N GLY A 213 10.85 -2.45 -4.34
CA GLY A 213 11.07 -2.70 -5.74
C GLY A 213 12.43 -2.23 -6.16
N GLY A 214 12.63 -2.07 -7.46
CA GLY A 214 13.92 -1.63 -7.99
C GLY A 214 14.26 -0.25 -7.49
N TYR A 215 15.48 0.14 -7.72
CA TYR A 215 15.97 1.47 -7.31
C TYR A 215 15.82 1.68 -5.82
N GLY A 216 15.94 0.59 -5.06
CA GLY A 216 15.82 0.65 -3.62
C GLY A 216 14.54 1.28 -3.15
N THR A 217 13.46 1.04 -3.90
CA THR A 217 12.19 1.69 -3.58
C THR A 217 11.63 1.01 -2.34
N THR A 218 11.22 1.81 -1.36
CA THR A 218 10.80 1.34 -0.07
C THR A 218 9.62 2.19 0.36
N ASN A 219 8.45 1.55 0.49
CA ASN A 219 7.19 2.25 0.67
C ASN A 219 6.38 1.69 1.83
N ASP A 220 5.46 2.50 2.36
CA ASP A 220 4.48 2.02 3.35
C ASP A 220 3.31 2.99 3.34
N ILE A 221 2.10 2.45 3.44
CA ILE A 221 0.89 3.24 3.58
C ILE A 221 0.13 2.68 4.77
N ALA A 222 -0.37 3.57 5.63
CA ALA A 222 -0.94 3.14 6.92
C ALA A 222 -2.16 3.95 7.35
N VAL A 223 -3.07 3.26 8.04
CA VAL A 223 -4.09 3.85 8.88
C VAL A 223 -3.64 3.62 10.32
N ILE A 224 -3.71 4.65 11.15
CA ILE A 224 -3.10 4.67 12.48
C ILE A 224 -4.11 5.18 13.48
N TRP A 225 -4.23 4.46 14.58
CA TRP A 225 -5.05 4.90 15.70
C TRP A 225 -4.18 5.18 16.89
N PRO A 226 -3.76 6.43 17.08
CA PRO A 226 -3.01 6.78 18.24
C PRO A 226 -3.85 6.58 19.48
N LYS A 227 -3.20 6.40 20.62
CA LYS A 227 -3.91 6.22 21.88
C LYS A 227 -4.81 7.44 22.18
N ASP A 228 -6.11 7.21 22.31
CA ASP A 228 -7.12 8.24 22.61
C ASP A 228 -7.15 9.44 21.66
N ARG A 229 -6.94 9.20 20.38
CA ARG A 229 -6.88 10.28 19.39
C ARG A 229 -7.65 9.85 18.18
N ALA A 230 -8.09 10.82 17.38
CA ALA A 230 -8.67 10.55 16.06
C ALA A 230 -7.61 9.91 15.16
N PRO A 231 -8.04 9.06 14.24
CA PRO A 231 -7.05 8.35 13.42
C PRO A 231 -6.31 9.22 12.42
N LEU A 232 -5.17 8.72 11.99
CA LEU A 232 -4.32 9.33 11.01
C LEU A 232 -4.21 8.41 9.80
N ILE A 233 -3.94 9.00 8.63
CA ILE A 233 -3.55 8.25 7.46
C ILE A 233 -2.18 8.75 7.07
N LEU A 234 -1.24 7.83 6.82
CA LEU A 234 0.13 8.24 6.48
C LEU A 234 0.66 7.43 5.29
N VAL A 235 1.15 8.13 4.27
CA VAL A 235 1.84 7.52 3.14
C VAL A 235 3.28 7.98 3.17
N THR A 236 4.23 7.04 3.16
CA THR A 236 5.65 7.35 3.06
C THR A 236 6.25 6.54 1.91
N TYR A 237 6.64 7.22 0.85
CA TYR A 237 7.24 6.63 -0.33
C TYR A 237 8.67 7.07 -0.45
N PHE A 238 9.55 6.16 -0.85
CA PHE A 238 10.98 6.49 -0.94
C PHE A 238 11.62 5.70 -2.07
N THR A 239 12.48 6.38 -2.83
CA THR A 239 13.17 5.70 -3.92
C THR A 239 14.52 6.35 -4.11
N GLN A 240 15.43 5.61 -4.71
CA GLN A 240 16.85 5.96 -4.70
C GLN A 240 17.44 5.99 -6.09
N PRO A 241 18.63 6.61 -6.23
CA PRO A 241 19.15 6.78 -7.62
C PRO A 241 19.76 5.52 -8.28
N GLN A 242 20.22 4.55 -7.50
CA GLN A 242 20.97 3.40 -8.04
C GLN A 242 20.05 2.23 -8.28
N PRO A 243 20.15 1.54 -9.43
CA PRO A 243 19.21 0.47 -9.71
C PRO A 243 19.18 -0.61 -8.65
N LYS A 244 20.32 -0.91 -8.06
CA LYS A 244 20.46 -1.98 -7.07
C LYS A 244 20.60 -1.46 -5.65
N ALA A 245 20.13 -0.23 -5.38
CA ALA A 245 20.16 0.29 -4.04
C ALA A 245 19.43 -0.65 -3.07
N GLU A 246 19.96 -0.71 -1.86
CA GLU A 246 19.33 -1.48 -0.77
C GLU A 246 18.10 -0.78 -0.18
N SER A 247 17.24 -1.59 0.38
CA SER A 247 16.06 -1.18 1.14
CA SER A 247 16.07 -1.14 1.11
C SER A 247 16.40 -0.19 2.24
N ARG A 248 15.50 0.79 2.44
CA ARG A 248 15.69 1.79 3.51
C ARG A 248 14.42 2.00 4.32
N ARG A 249 14.00 0.93 4.98
CA ARG A 249 12.82 0.99 5.85
C ARG A 249 12.98 2.01 6.99
N ASP A 250 14.21 2.17 7.45
CA ASP A 250 14.52 3.17 8.46
C ASP A 250 14.14 4.59 8.07
N VAL A 251 14.22 4.92 6.79
CA VAL A 251 13.86 6.23 6.32
C VAL A 251 12.36 6.44 6.52
N LEU A 252 11.55 5.40 6.26
CA LEU A 252 10.11 5.51 6.47
C LEU A 252 9.76 5.65 7.96
N ALA A 253 10.46 4.91 8.80
CA ALA A 253 10.29 5.03 10.23
C ALA A 253 10.62 6.42 10.71
N SER A 254 11.72 6.97 10.19
CA SER A 254 12.09 8.32 10.57
C SER A 254 11.07 9.36 10.12
N ALA A 255 10.55 9.19 8.90
CA ALA A 255 9.56 10.14 8.39
C ALA A 255 8.32 10.10 9.28
N ALA A 256 7.89 8.88 9.64
CA ALA A 256 6.74 8.70 10.51
C ALA A 256 6.94 9.39 11.85
N LYS A 257 8.12 9.24 12.44
CA LYS A 257 8.40 9.89 13.73
C LYS A 257 8.36 11.42 13.60
N ILE A 258 8.98 11.97 12.54
CA ILE A 258 8.98 13.41 12.31
C ILE A 258 7.56 13.95 12.22
N VAL A 259 6.70 13.29 11.46
CA VAL A 259 5.38 13.90 11.18
C VAL A 259 4.34 13.66 12.27
N THR A 260 4.62 12.76 13.20
CA THR A 260 3.70 12.49 14.32
C THR A 260 4.20 12.96 15.67
N ASP A 261 5.42 13.49 15.74
CA ASP A 261 6.05 13.86 17.03
C ASP A 261 5.21 14.94 17.73
O8 ZXQ B . 8.17 -8.18 -5.81
C7 ZXQ B . 8.70 -7.33 -5.09
C6 ZXQ B . 10.17 -6.89 -5.43
C3 ZXQ B . 10.51 -6.79 -6.97
C4 ZXQ B . 9.77 -7.34 -8.00
C5 ZXQ B . 10.24 -7.15 -9.31
C1 ZXQ B . 11.35 -6.42 -9.34
S2 ZXQ B . 11.91 -6.00 -7.79
N9 ZXQ B . 8.07 -6.77 -4.05
C10 ZXQ B . 6.74 -6.97 -3.52
C11 ZXQ B . 6.45 -8.35 -2.93
C12 ZXQ B . 7.39 -8.52 -1.72
C13 ZXQ B . 7.65 -7.60 -0.77
B15 ZXQ B . 5.88 -5.87 -2.86
O27 ZXQ B . 6.42 -4.54 -3.26
O16 ZXQ B . 5.84 -5.99 -1.46
C14 ZXQ B . 6.91 -6.31 -0.62
C17 ZXQ B . 6.84 -5.60 0.64
C18 ZXQ B . 8.03 -5.30 1.48
O19 ZXQ B . 9.18 -5.44 1.01
O20 ZXQ B . 7.78 -5.03 2.67
S SO4 C . 7.69 -4.58 -19.17
O1 SO4 C . 6.20 -4.70 -19.44
O2 SO4 C . 8.14 -3.33 -19.91
O3 SO4 C . 8.46 -5.72 -19.73
O4 SO4 C . 8.03 -4.37 -17.75
S SO4 D . -18.65 10.52 9.77
O1 SO4 D . -18.73 9.28 10.58
O2 SO4 D . -19.72 10.53 8.72
O3 SO4 D . -17.34 10.56 9.08
O4 SO4 D . -18.78 11.66 10.71
C1 EDO E . 16.54 14.84 -4.11
O1 EDO E . 16.85 15.71 -5.20
C2 EDO E . 15.22 14.17 -4.44
O2 EDO E . 15.22 13.72 -5.81
CL CL F . 6.96 3.59 22.83
#